data_5AJS
#
_entry.id   5AJS
#
_cell.length_a   39.757
_cell.length_b   39.757
_cell.length_c   204.127
_cell.angle_alpha   90.00
_cell.angle_beta   90.00
_cell.angle_gamma   90.00
#
_symmetry.space_group_name_H-M   'P 43'
#
loop_
_entity.id
_entity.type
_entity.pdbx_description
1 polymer 'THAP DOMAIN-CONTAINING PROTEIN 11'
2 water water
#
_entity_poly.entity_id   1
_entity_poly.type   'polypeptide(L)'
_entity_poly.pdbx_seq_one_letter_code
;SLSSGTTEEELLRKLNEQRDILALMEVKMKEMKGSIRHLRLTEAKLREELREKDRLLAMAVIRKKHGM
;
_entity_poly.pdbx_strand_id   A,B,C,D
#
# COMPACT_ATOMS: atom_id res chain seq x y z
N THR A 6 1.75 20.98 49.22
CA THR A 6 1.43 20.15 47.99
C THR A 6 1.35 18.63 48.31
N THR A 7 0.13 18.06 48.21
CA THR A 7 -0.16 16.64 48.60
C THR A 7 0.28 15.60 47.56
N GLU A 8 0.29 14.34 47.97
CA GLU A 8 0.46 13.23 47.03
C GLU A 8 -0.78 13.12 46.12
N GLU A 9 -1.95 13.19 46.72
CA GLU A 9 -3.21 13.24 45.97
C GLU A 9 -3.02 14.10 44.72
N GLU A 10 -2.56 15.34 44.91
CA GLU A 10 -2.41 16.30 43.82
C GLU A 10 -1.33 15.91 42.79
N LEU A 11 -0.19 15.36 43.26
CA LEU A 11 0.89 14.91 42.36
C LEU A 11 0.43 13.78 41.47
N LEU A 12 -0.13 12.77 42.14
CA LEU A 12 -0.62 11.57 41.53
C LEU A 12 -1.74 11.91 40.56
N ARG A 13 -2.55 12.92 40.90
CA ARG A 13 -3.51 13.44 39.94
C ARG A 13 -2.80 14.03 38.70
N LYS A 14 -1.68 14.71 38.91
CA LYS A 14 -0.89 15.28 37.82
C LYS A 14 -0.20 14.19 36.96
N LEU A 15 0.27 13.12 37.60
CA LEU A 15 0.82 11.97 36.87
C LEU A 15 -0.23 11.32 36.00
N ASN A 16 -1.50 11.35 36.44
CA ASN A 16 -2.50 10.63 35.70
C ASN A 16 -2.98 11.44 34.55
N GLU A 17 -3.07 12.75 34.77
CA GLU A 17 -3.40 13.67 33.65
C GLU A 17 -2.35 13.55 32.58
N GLN A 18 -1.07 13.55 32.96
CA GLN A 18 0.06 13.44 31.98
C GLN A 18 0.01 12.17 31.18
N ARG A 19 -0.30 11.09 31.87
CA ARG A 19 -0.49 9.79 31.26
C ARG A 19 -1.75 9.79 30.35
N ASP A 20 -2.78 10.56 30.69
CA ASP A 20 -3.95 10.70 29.83
C ASP A 20 -3.60 11.39 28.50
N ILE A 21 -2.85 12.50 28.60
CA ILE A 21 -2.41 13.22 27.44
C ILE A 21 -1.39 12.35 26.63
N LEU A 22 -0.42 11.72 27.27
CA LEU A 22 0.49 10.87 26.47
C LEU A 22 -0.33 9.87 25.68
N ALA A 23 -1.25 9.17 26.38
CA ALA A 23 -2.24 8.25 25.75
C ALA A 23 -2.92 8.75 24.46
N LEU A 24 -3.45 9.98 24.53
CA LEU A 24 -4.20 10.63 23.44
C LEU A 24 -3.26 11.01 22.28
N MET A 25 -2.06 11.47 22.63
CA MET A 25 -1.09 11.82 21.60
C MET A 25 -0.58 10.59 20.83
N GLU A 26 -0.40 9.47 21.53
CA GLU A 26 0.03 8.19 20.90
C GLU A 26 -1.01 7.74 19.84
N VAL A 27 -2.28 7.96 20.13
CA VAL A 27 -3.33 7.54 19.24
C VAL A 27 -3.34 8.44 18.03
N LYS A 28 -3.18 9.75 18.27
CA LYS A 28 -3.13 10.77 17.19
C LYS A 28 -1.90 10.59 16.32
N MET A 29 -0.73 10.42 16.94
CA MET A 29 0.46 10.06 16.20
C MET A 29 0.33 8.75 15.39
N LYS A 30 -0.46 7.79 15.85
CA LYS A 30 -0.60 6.55 15.10
C LYS A 30 -1.48 6.83 13.89
N GLU A 31 -2.54 7.60 14.10
CA GLU A 31 -3.44 8.02 13.04
C GLU A 31 -2.64 8.90 12.02
N MET A 32 -1.92 9.91 12.50
CA MET A 32 -1.13 10.77 11.62
C MET A 32 -0.18 9.94 10.74
N LYS A 33 0.48 8.94 11.30
CA LYS A 33 1.34 8.00 10.50
C LYS A 33 0.58 7.20 9.39
N GLY A 34 -0.67 6.82 9.67
CA GLY A 34 -1.50 6.22 8.67
C GLY A 34 -1.84 7.15 7.51
N SER A 35 -2.08 8.44 7.78
CA SER A 35 -2.34 9.41 6.71
C SER A 35 -1.05 9.58 5.87
N ILE A 36 0.04 9.92 6.54
CA ILE A 36 1.34 9.99 5.86
C ILE A 36 1.64 8.85 4.88
N ARG A 37 1.48 7.59 5.33
CA ARG A 37 1.57 6.43 4.43
C ARG A 37 0.52 6.44 3.29
N HIS A 38 -0.73 6.83 3.58
CA HIS A 38 -1.74 6.80 2.55
C HIS A 38 -1.44 7.88 1.53
N LEU A 39 -1.18 9.10 2.02
CA LEU A 39 -0.81 10.20 1.14
C LEU A 39 0.43 9.91 0.31
N ARG A 40 1.40 9.17 0.86
CA ARG A 40 2.60 8.89 0.09
C ARG A 40 2.30 7.85 -0.99
N LEU A 41 1.46 6.87 -0.65
CA LEU A 41 1.01 5.86 -1.65
C LEU A 41 0.37 6.55 -2.84
N THR A 42 -0.54 7.49 -2.56
CA THR A 42 -1.22 8.35 -3.53
C THR A 42 -0.27 9.26 -4.38
N GLU A 43 0.57 10.03 -3.72
CA GLU A 43 1.62 10.77 -4.39
C GLU A 43 2.35 9.89 -5.43
N ALA A 44 2.80 8.72 -5.00
CA ALA A 44 3.58 7.85 -5.89
C ALA A 44 2.77 7.39 -7.12
N LYS A 45 1.52 6.99 -6.89
CA LYS A 45 0.63 6.62 -7.95
C LYS A 45 0.40 7.81 -8.89
N LEU A 46 0.22 9.01 -8.34
CA LEU A 46 -0.14 10.18 -9.18
C LEU A 46 0.99 10.53 -10.10
N ARG A 47 2.20 10.46 -9.59
CA ARG A 47 3.41 10.72 -10.38
C ARG A 47 3.56 9.67 -11.48
N GLU A 48 3.20 8.43 -11.16
CA GLU A 48 3.39 7.38 -12.14
C GLU A 48 2.43 7.72 -13.22
N GLU A 49 1.18 7.92 -12.82
CA GLU A 49 0.15 8.15 -13.81
C GLU A 49 0.41 9.36 -14.71
N LEU A 50 1.02 10.36 -14.10
CA LEU A 50 1.53 11.55 -14.80
C LEU A 50 2.68 11.29 -15.78
N ARG A 51 3.56 10.36 -15.44
N ARG A 51 3.55 10.36 -15.42
CA ARG A 51 4.62 9.94 -16.38
CA ARG A 51 4.62 9.91 -16.34
C ARG A 51 3.98 9.29 -17.61
C ARG A 51 4.01 9.27 -17.58
N GLU A 52 3.03 8.38 -17.37
CA GLU A 52 2.32 7.75 -18.49
C GLU A 52 1.61 8.80 -19.37
N LYS A 53 0.98 9.80 -18.77
CA LYS A 53 0.27 10.79 -19.60
C LYS A 53 1.18 11.73 -20.34
N ASP A 54 2.33 12.05 -19.73
CA ASP A 54 3.36 12.80 -20.49
C ASP A 54 3.91 11.98 -21.71
N ARG A 55 4.11 10.68 -21.59
CA ARG A 55 4.51 9.89 -22.79
C ARG A 55 3.51 10.05 -23.88
N LEU A 56 2.23 10.07 -23.50
CA LEU A 56 1.14 9.95 -24.48
C LEU A 56 0.90 11.24 -25.21
N LEU A 57 1.11 12.34 -24.51
CA LEU A 57 1.22 13.67 -25.07
C LEU A 57 2.44 13.84 -25.95
N ALA A 58 3.58 13.43 -25.41
CA ALA A 58 4.81 13.45 -26.20
C ALA A 58 4.54 12.79 -27.52
N MET A 59 3.98 11.57 -27.49
CA MET A 59 3.63 10.84 -28.69
C MET A 59 2.68 11.65 -29.57
N ALA A 60 1.58 12.18 -29.02
CA ALA A 60 0.57 12.85 -29.87
C ALA A 60 1.16 14.04 -30.58
N VAL A 61 2.11 14.70 -29.97
CA VAL A 61 2.77 15.84 -30.64
C VAL A 61 3.62 15.34 -31.82
N ILE A 62 4.60 14.52 -31.53
CA ILE A 62 5.39 13.91 -32.58
C ILE A 62 4.54 13.46 -33.79
N ARG A 63 3.51 12.65 -33.58
CA ARG A 63 2.65 12.17 -34.69
C ARG A 63 2.04 13.32 -35.51
N LYS A 64 1.48 14.32 -34.81
CA LYS A 64 0.99 15.54 -35.43
C LYS A 64 2.01 16.03 -36.47
N LYS A 65 3.31 16.02 -36.12
CA LYS A 65 4.38 16.37 -37.06
C LYS A 65 4.49 15.40 -38.26
N HIS A 66 4.36 14.11 -38.00
CA HIS A 66 4.67 13.09 -39.00
C HIS A 66 3.45 12.51 -39.74
N GLY A 67 2.27 13.11 -39.53
CA GLY A 67 1.08 12.85 -40.34
C GLY A 67 0.04 11.84 -39.89
N MET A 68 0.31 11.04 -38.85
CA MET A 68 -0.49 9.80 -38.58
C MET A 68 -1.89 10.03 -38.00
N GLY B 5 14.50 9.85 46.50
CA GLY B 5 13.84 8.66 47.17
C GLY B 5 12.58 8.29 46.42
N THR B 6 11.66 7.58 47.09
CA THR B 6 10.37 7.18 46.47
C THR B 6 9.10 7.78 47.13
N THR B 7 9.27 8.76 48.02
CA THR B 7 8.13 9.30 48.79
C THR B 7 7.30 10.19 47.88
N GLU B 8 7.74 11.44 47.70
CA GLU B 8 7.26 12.31 46.65
C GLU B 8 8.35 12.41 45.53
N GLU B 9 9.54 11.85 45.78
CA GLU B 9 10.72 12.05 44.93
C GLU B 9 10.72 11.16 43.69
N GLU B 10 10.29 9.91 43.89
CA GLU B 10 10.07 9.01 42.77
C GLU B 10 8.97 9.58 41.89
N LEU B 11 7.90 10.10 42.50
CA LEU B 11 6.77 10.79 41.82
C LEU B 11 7.20 11.98 40.99
N LEU B 12 7.90 12.90 41.66
CA LEU B 12 8.54 14.03 40.98
C LEU B 12 9.43 13.54 39.83
N ARG B 13 10.12 12.43 40.05
CA ARG B 13 10.96 11.87 39.03
C ARG B 13 10.06 11.49 37.86
N LYS B 14 8.93 10.85 38.12
CA LYS B 14 8.16 10.28 37.04
C LYS B 14 7.45 11.39 36.29
N LEU B 15 6.93 12.39 37.01
CA LEU B 15 6.29 13.56 36.41
C LEU B 15 7.24 14.14 35.38
N ASN B 16 8.48 14.38 35.81
CA ASN B 16 9.53 14.93 34.91
C ASN B 16 9.83 14.08 33.71
N GLU B 17 9.95 12.77 33.92
CA GLU B 17 10.18 11.85 32.78
C GLU B 17 8.96 11.87 31.85
N GLN B 18 7.76 11.97 32.44
CA GLN B 18 6.58 12.07 31.61
C GLN B 18 6.54 13.38 30.83
N ARG B 19 6.99 14.47 31.45
CA ARG B 19 7.11 15.77 30.71
C ARG B 19 8.18 15.67 29.66
N ASP B 20 9.23 14.89 29.90
CA ASP B 20 10.22 14.61 28.84
C ASP B 20 9.61 13.97 27.61
N ILE B 21 8.79 12.95 27.85
CA ILE B 21 8.33 12.15 26.74
C ILE B 21 7.35 13.05 26.01
N LEU B 22 6.40 13.65 26.74
CA LEU B 22 5.46 14.63 26.21
C LEU B 22 6.17 15.66 25.28
N ALA B 23 7.32 16.14 25.71
CA ALA B 23 8.10 17.11 24.98
C ALA B 23 8.46 16.62 23.61
N LEU B 24 8.94 15.40 23.54
CA LEU B 24 9.38 14.78 22.28
C LEU B 24 8.22 14.48 21.38
N MET B 25 7.13 14.01 21.97
CA MET B 25 5.93 13.75 21.22
C MET B 25 5.26 14.98 20.63
N GLU B 26 5.22 16.08 21.34
CA GLU B 26 4.74 17.35 20.73
C GLU B 26 5.61 17.78 19.50
N VAL B 27 6.92 17.57 19.57
CA VAL B 27 7.78 17.95 18.44
C VAL B 27 7.50 17.03 17.23
N LYS B 28 7.39 15.74 17.52
CA LYS B 28 7.08 14.70 16.54
C LYS B 28 5.69 15.02 15.96
N MET B 29 4.67 15.18 16.80
CA MET B 29 3.36 15.56 16.28
C MET B 29 3.37 16.80 15.36
N LYS B 30 4.15 17.83 15.72
CA LYS B 30 4.22 19.06 14.91
C LYS B 30 4.76 18.74 13.56
N GLU B 31 5.82 17.92 13.54
CA GLU B 31 6.50 17.59 12.32
C GLU B 31 5.65 16.66 11.44
N MET B 32 5.09 15.64 12.05
CA MET B 32 4.18 14.80 11.28
C MET B 32 3.11 15.70 10.64
N LYS B 33 2.65 16.72 11.37
CA LYS B 33 1.58 17.60 10.86
C LYS B 33 2.06 18.37 9.65
N GLY B 34 3.27 18.90 9.74
CA GLY B 34 3.89 19.57 8.64
C GLY B 34 4.08 18.71 7.37
N SER B 35 4.25 17.40 7.56
CA SER B 35 4.40 16.45 6.47
C SER B 35 3.06 16.19 5.82
N ILE B 36 2.05 15.92 6.63
CA ILE B 36 0.67 15.83 6.13
C ILE B 36 0.29 17.02 5.29
N ARG B 37 0.55 18.23 5.79
CA ARG B 37 0.18 19.42 4.98
C ARG B 37 0.96 19.54 3.67
N HIS B 38 2.26 19.35 3.73
CA HIS B 38 3.03 19.40 2.53
C HIS B 38 2.38 18.40 1.56
N LEU B 39 2.29 17.14 1.99
CA LEU B 39 1.83 16.03 1.15
C LEU B 39 0.52 16.28 0.44
N ARG B 40 -0.40 16.91 1.16
CA ARG B 40 -1.70 17.24 0.62
C ARG B 40 -1.62 18.40 -0.36
N LEU B 41 -0.65 19.29 -0.14
CA LEU B 41 -0.48 20.45 -1.07
C LEU B 41 0.09 19.98 -2.43
N THR B 42 1.06 19.06 -2.35
CA THR B 42 1.59 18.34 -3.50
C THR B 42 0.50 17.46 -4.12
N GLU B 43 -0.20 16.67 -3.32
CA GLU B 43 -1.27 15.84 -3.88
C GLU B 43 -2.16 16.63 -4.81
N ALA B 44 -2.57 17.84 -4.39
CA ALA B 44 -3.61 18.60 -5.12
C ALA B 44 -3.05 19.34 -6.31
N LYS B 45 -1.75 19.66 -6.27
CA LYS B 45 -1.06 20.11 -7.48
C LYS B 45 -0.90 18.96 -8.49
N LEU B 46 -0.71 17.72 -8.03
CA LEU B 46 -0.55 16.65 -9.00
C LEU B 46 -1.85 16.37 -9.69
N ARG B 47 -2.92 16.46 -8.92
CA ARG B 47 -4.22 16.14 -9.45
C ARG B 47 -4.64 17.23 -10.43
N GLU B 48 -4.30 18.46 -10.10
CA GLU B 48 -4.62 19.59 -10.98
C GLU B 48 -4.04 19.37 -12.37
N GLU B 49 -2.74 19.07 -12.34
CA GLU B 49 -1.98 18.83 -13.54
C GLU B 49 -2.43 17.56 -14.24
N LEU B 50 -2.79 16.57 -13.50
CA LEU B 50 -3.33 15.41 -14.15
C LEU B 50 -4.60 15.69 -14.96
N ARG B 51 -5.57 16.39 -14.38
CA ARG B 51 -6.82 16.71 -15.13
C ARG B 51 -6.48 17.49 -16.39
N GLU B 52 -5.66 18.54 -16.22
CA GLU B 52 -5.27 19.37 -17.36
C GLU B 52 -4.70 18.46 -18.46
N LYS B 53 -3.89 17.46 -18.10
CA LYS B 53 -3.28 16.63 -19.11
C LYS B 53 -4.21 15.66 -19.79
N ASP B 54 -5.19 15.16 -19.02
CA ASP B 54 -6.19 14.25 -19.53
C ASP B 54 -6.90 15.01 -20.63
N ARG B 55 -7.43 16.16 -20.23
CA ARG B 55 -8.05 17.15 -21.08
C ARG B 55 -7.27 17.36 -22.37
N LEU B 56 -5.96 17.67 -22.27
CA LEU B 56 -5.14 17.89 -23.50
C LEU B 56 -5.09 16.66 -24.37
N LEU B 57 -5.13 15.46 -23.75
CA LEU B 57 -5.22 14.19 -24.54
C LEU B 57 -6.58 13.98 -25.21
N ALA B 58 -7.65 14.16 -24.43
CA ALA B 58 -9.02 14.01 -24.99
C ALA B 58 -9.21 14.93 -26.23
N MET B 59 -8.79 16.19 -26.10
CA MET B 59 -8.71 17.14 -27.23
C MET B 59 -7.89 16.66 -28.39
N ALA B 60 -6.64 16.23 -28.12
CA ALA B 60 -5.75 15.64 -29.17
C ALA B 60 -6.46 14.55 -29.93
N VAL B 61 -7.11 13.65 -29.19
CA VAL B 61 -7.81 12.53 -29.81
C VAL B 61 -8.83 13.06 -30.79
N ILE B 62 -9.78 13.83 -30.27
CA ILE B 62 -10.82 14.46 -31.08
C ILE B 62 -10.28 15.23 -32.31
N ARG B 63 -9.20 16.00 -32.15
CA ARG B 63 -8.57 16.62 -33.33
C ARG B 63 -8.03 15.60 -34.37
N LYS B 64 -7.52 14.44 -33.93
CA LYS B 64 -7.11 13.39 -34.86
C LYS B 64 -8.36 12.84 -35.57
N LYS B 65 -9.48 12.78 -34.85
CA LYS B 65 -10.77 12.33 -35.41
C LYS B 65 -11.42 13.30 -36.42
N HIS B 66 -11.39 14.61 -36.15
CA HIS B 66 -11.95 15.61 -37.08
C HIS B 66 -10.94 16.18 -38.09
N GLY B 67 -9.75 15.55 -38.20
CA GLY B 67 -8.66 16.05 -39.04
C GLY B 67 -8.37 17.54 -38.89
N MET B 68 -7.64 17.93 -37.85
CA MET B 68 -7.26 19.33 -37.63
C MET B 68 -5.87 19.47 -36.99
N THR C 7 -7.77 -10.27 -47.09
CA THR C 7 -8.89 -9.64 -46.33
C THR C 7 -10.06 -10.62 -46.06
N GLU C 8 -9.72 -11.87 -45.73
CA GLU C 8 -10.70 -12.96 -45.49
C GLU C 8 -11.54 -12.80 -44.21
N GLU C 9 -12.87 -12.96 -44.36
CA GLU C 9 -13.84 -12.65 -43.31
C GLU C 9 -13.62 -13.41 -42.01
N GLU C 10 -13.27 -14.70 -42.14
CA GLU C 10 -13.13 -15.62 -40.98
C GLU C 10 -11.79 -15.45 -40.25
N LEU C 11 -10.75 -14.99 -40.95
CA LEU C 11 -9.44 -14.66 -40.35
C LEU C 11 -9.57 -13.47 -39.41
N LEU C 12 -10.21 -12.42 -39.92
CA LEU C 12 -10.57 -11.23 -39.15
C LEU C 12 -11.41 -11.55 -37.93
N ARG C 13 -12.35 -12.47 -38.07
CA ARG C 13 -13.19 -12.87 -36.95
C ARG C 13 -12.33 -13.58 -35.92
N LYS C 14 -11.31 -14.28 -36.42
CA LYS C 14 -10.36 -15.01 -35.59
C LYS C 14 -9.49 -13.98 -34.86
N LEU C 15 -9.02 -12.97 -35.58
CA LEU C 15 -8.25 -11.93 -34.93
C LEU C 15 -8.99 -11.37 -33.74
N ASN C 16 -10.31 -11.14 -33.93
CA ASN C 16 -11.16 -10.55 -32.88
C ASN C 16 -11.51 -11.43 -31.73
N GLU C 17 -11.75 -12.69 -32.04
CA GLU C 17 -11.87 -13.70 -31.01
C GLU C 17 -10.70 -13.55 -30.09
N GLN C 18 -9.52 -13.36 -30.67
CA GLN C 18 -8.30 -13.46 -29.88
C GLN C 18 -8.22 -12.20 -29.02
N ARG C 19 -8.67 -11.10 -29.60
CA ARG C 19 -8.69 -9.81 -28.90
C ARG C 19 -9.59 -9.91 -27.74
N ASP C 20 -10.76 -10.53 -27.94
CA ASP C 20 -11.70 -10.71 -26.83
C ASP C 20 -10.97 -11.57 -25.77
N ILE C 21 -10.23 -12.61 -26.20
CA ILE C 21 -9.55 -13.54 -25.27
C ILE C 21 -8.45 -12.78 -24.54
N LEU C 22 -7.68 -12.03 -25.29
CA LEU C 22 -6.62 -11.25 -24.66
C LEU C 22 -7.24 -10.33 -23.63
N ALA C 23 -8.27 -9.58 -24.03
CA ALA C 23 -8.85 -8.55 -23.11
C ALA C 23 -9.35 -9.13 -21.86
N LEU C 24 -9.96 -10.32 -21.91
CA LEU C 24 -10.37 -11.00 -20.66
C LEU C 24 -9.20 -11.31 -19.74
N MET C 25 -8.08 -11.75 -20.36
CA MET C 25 -6.90 -12.24 -19.66
C MET C 25 -6.32 -11.04 -19.01
N GLU C 26 -6.36 -9.92 -19.70
CA GLU C 26 -5.77 -8.70 -19.12
C GLU C 26 -6.55 -8.25 -17.82
N VAL C 27 -7.84 -8.55 -17.79
CA VAL C 27 -8.68 -8.30 -16.64
C VAL C 27 -8.34 -9.17 -15.42
N LYS C 28 -8.12 -10.45 -15.69
CA LYS C 28 -7.84 -11.42 -14.67
C LYS C 28 -6.44 -11.06 -14.13
N MET C 29 -5.47 -10.91 -15.01
CA MET C 29 -4.15 -10.53 -14.57
C MET C 29 -4.24 -9.29 -13.66
N LYS C 30 -5.05 -8.31 -14.05
CA LYS C 30 -5.31 -7.10 -13.24
C LYS C 30 -5.77 -7.42 -11.83
N GLU C 31 -6.75 -8.28 -11.72
CA GLU C 31 -7.26 -8.70 -10.40
C GLU C 31 -6.24 -9.56 -9.62
N MET C 32 -5.35 -10.25 -10.35
CA MET C 32 -4.34 -11.11 -9.74
C MET C 32 -3.16 -10.32 -9.16
N LYS C 33 -2.72 -9.27 -9.86
CA LYS C 33 -1.58 -8.47 -9.39
C LYS C 33 -2.00 -7.58 -8.21
N GLY C 34 -3.27 -7.25 -8.14
CA GLY C 34 -3.83 -6.63 -6.97
C GLY C 34 -3.77 -7.58 -5.80
N SER C 35 -4.22 -8.83 -6.02
CA SER C 35 -4.21 -9.85 -4.98
C SER C 35 -2.81 -10.09 -4.43
N ILE C 36 -1.79 -9.97 -5.28
CA ILE C 36 -0.45 -10.23 -4.85
C ILE C 36 0.06 -9.07 -3.99
N ARG C 37 -0.06 -7.85 -4.49
CA ARG C 37 0.42 -6.68 -3.72
C ARG C 37 -0.27 -6.62 -2.34
N HIS C 38 -1.56 -6.85 -2.29
CA HIS C 38 -2.25 -6.98 -1.04
C HIS C 38 -1.64 -8.10 -0.21
N LEU C 39 -1.37 -9.25 -0.83
CA LEU C 39 -0.91 -10.39 -0.03
C LEU C 39 0.49 -10.14 0.54
N ARG C 40 1.34 -9.51 -0.24
CA ARG C 40 2.70 -9.29 0.23
C ARG C 40 2.68 -8.29 1.44
N LEU C 41 1.70 -7.38 1.42
CA LEU C 41 1.51 -6.39 2.48
C LEU C 41 0.86 -7.05 3.68
N THR C 42 -0.14 -7.91 3.44
CA THR C 42 -0.63 -8.71 4.54
C THR C 42 0.42 -9.61 5.18
N GLU C 43 1.22 -10.28 4.38
CA GLU C 43 2.32 -11.03 4.95
C GLU C 43 3.22 -10.13 5.81
N ALA C 44 3.57 -8.97 5.28
CA ALA C 44 4.60 -8.10 5.90
C ALA C 44 4.10 -7.63 7.25
N LYS C 45 2.84 -7.24 7.30
CA LYS C 45 2.19 -6.87 8.53
C LYS C 45 2.13 -8.02 9.52
N LEU C 46 1.88 -9.22 9.02
CA LEU C 46 1.76 -10.39 9.94
C LEU C 46 3.14 -10.82 10.48
N ARG C 47 4.13 -10.76 9.63
CA ARG C 47 5.45 -11.08 10.11
C ARG C 47 5.89 -10.03 11.15
N GLU C 48 5.40 -8.80 11.01
CA GLU C 48 5.76 -7.72 11.95
C GLU C 48 5.17 -7.97 13.32
N GLU C 49 3.96 -8.50 13.30
CA GLU C 49 3.17 -8.67 14.47
C GLU C 49 3.72 -9.89 15.20
N LEU C 50 3.87 -10.97 14.46
CA LEU C 50 4.51 -12.15 15.06
C LEU C 50 5.81 -11.86 15.80
N ARG C 51 6.68 -11.08 15.17
CA ARG C 51 8.01 -10.70 15.78
C ARG C 51 7.84 -9.88 17.07
N GLU C 52 6.84 -8.99 17.10
CA GLU C 52 6.44 -8.35 18.34
C GLU C 52 5.88 -9.30 19.37
N LYS C 53 5.20 -10.35 18.96
CA LYS C 53 4.66 -11.24 20.02
C LYS C 53 5.68 -12.18 20.56
N ASP C 54 6.59 -12.59 19.70
CA ASP C 54 7.67 -13.46 20.16
C ASP C 54 8.55 -12.70 21.18
N ARG C 55 8.85 -11.45 20.88
CA ARG C 55 9.57 -10.60 21.78
C ARG C 55 8.83 -10.52 23.14
N LEU C 56 7.52 -10.21 23.12
CA LEU C 56 6.73 -10.16 24.38
C LEU C 56 6.80 -11.47 25.18
N LEU C 57 6.77 -12.60 24.45
CA LEU C 57 6.84 -13.97 25.04
C LEU C 57 8.18 -14.29 25.69
N ALA C 58 9.23 -14.06 24.93
CA ALA C 58 10.60 -14.08 25.48
C ALA C 58 10.72 -13.33 26.81
N MET C 59 10.20 -12.09 26.88
CA MET C 59 10.23 -11.35 28.08
C MET C 59 9.38 -11.94 29.21
N ALA C 60 8.21 -12.48 28.85
CA ALA C 60 7.37 -13.14 29.84
C ALA C 60 8.12 -14.36 30.40
N VAL C 61 8.88 -15.07 29.59
CA VAL C 61 9.57 -16.27 30.11
C VAL C 61 10.68 -15.86 31.06
N ILE C 62 11.46 -14.87 30.61
CA ILE C 62 12.57 -14.35 31.39
C ILE C 62 12.10 -13.84 32.76
N ARG C 63 11.08 -12.99 32.75
CA ARG C 63 10.57 -12.37 33.96
C ARG C 63 10.07 -13.44 34.96
N LYS C 64 9.75 -14.63 34.46
CA LYS C 64 9.32 -15.73 35.31
C LYS C 64 10.51 -16.57 35.80
N LYS C 65 11.50 -16.81 34.93
CA LYS C 65 12.71 -17.52 35.34
C LYS C 65 13.51 -16.78 36.41
N HIS C 66 13.79 -15.49 36.21
CA HIS C 66 14.57 -14.72 37.18
C HIS C 66 13.69 -14.21 38.30
N GLY C 67 12.39 -14.07 38.00
CA GLY C 67 11.40 -13.63 38.99
C GLY C 67 10.23 -14.59 39.07
N GLY D 5 -6.75 -20.80 -52.61
CA GLY D 5 -5.39 -20.38 -52.14
C GLY D 5 -5.41 -19.89 -50.70
N THR D 6 -4.28 -20.06 -50.00
CA THR D 6 -4.14 -19.60 -48.59
C THR D 6 -4.17 -18.05 -48.55
N THR D 7 -4.65 -17.48 -47.44
CA THR D 7 -5.21 -16.10 -47.39
C THR D 7 -4.15 -14.99 -47.15
N GLU D 8 -4.60 -13.76 -46.88
CA GLU D 8 -3.70 -12.59 -46.74
C GLU D 8 -2.60 -12.81 -45.70
N GLU D 9 -1.35 -12.58 -46.12
CA GLU D 9 -0.18 -12.84 -45.27
C GLU D 9 -0.12 -11.87 -44.10
N GLU D 10 -0.84 -10.74 -44.22
CA GLU D 10 -0.86 -9.72 -43.15
C GLU D 10 -1.68 -10.26 -41.96
N LEU D 11 -2.99 -10.41 -42.20
CA LEU D 11 -3.88 -11.12 -41.29
C LEU D 11 -3.17 -12.21 -40.51
N LEU D 12 -2.61 -13.15 -41.28
CA LEU D 12 -1.88 -14.31 -40.77
C LEU D 12 -0.70 -13.97 -39.86
N ARG D 13 0.10 -12.96 -40.23
CA ARG D 13 1.20 -12.54 -39.38
C ARG D 13 0.61 -12.03 -38.07
N LYS D 14 -0.54 -11.39 -38.18
CA LYS D 14 -1.25 -10.84 -37.05
C LYS D 14 -1.81 -11.93 -36.12
N LEU D 15 -2.32 -13.02 -36.70
CA LEU D 15 -2.91 -14.09 -35.93
C LEU D 15 -1.85 -14.73 -35.09
N ASN D 16 -0.69 -14.89 -35.74
CA ASN D 16 0.42 -15.57 -35.08
C ASN D 16 1.02 -14.71 -34.01
N GLU D 17 1.06 -13.41 -34.27
CA GLU D 17 1.60 -12.48 -33.27
C GLU D 17 0.79 -12.54 -31.96
N GLN D 18 -0.52 -12.44 -32.10
CA GLN D 18 -1.40 -12.45 -30.96
C GLN D 18 -1.36 -13.76 -30.26
N ARG D 19 -1.22 -14.82 -31.05
CA ARG D 19 -1.10 -16.18 -30.51
CA ARG D 19 -1.14 -16.16 -30.44
C ARG D 19 0.13 -16.24 -29.59
N ASP D 20 1.25 -15.72 -30.10
CA ASP D 20 2.46 -15.62 -29.27
C ASP D 20 2.15 -14.89 -27.98
N ILE D 21 1.41 -13.79 -28.07
CA ILE D 21 1.02 -12.98 -26.89
C ILE D 21 0.11 -13.82 -25.99
N LEU D 22 -0.90 -14.47 -26.53
CA LEU D 22 -1.73 -15.33 -25.67
C LEU D 22 -0.85 -16.29 -24.86
N ALA D 23 0.02 -17.02 -25.55
CA ALA D 23 0.92 -17.98 -24.86
C ALA D 23 1.80 -17.30 -23.79
N LEU D 24 2.37 -16.14 -24.09
CA LEU D 24 3.20 -15.47 -23.04
C LEU D 24 2.40 -15.11 -21.80
N MET D 25 1.26 -14.45 -22.00
CA MET D 25 0.33 -14.13 -20.92
C MET D 25 -0.18 -15.34 -20.13
N GLU D 26 -0.30 -16.46 -20.80
CA GLU D 26 -0.66 -17.73 -20.11
C GLU D 26 0.45 -18.12 -19.10
N VAL D 27 1.70 -17.87 -19.47
CA VAL D 27 2.82 -18.21 -18.61
C VAL D 27 2.75 -17.39 -17.31
N LYS D 28 2.78 -16.07 -17.49
CA LYS D 28 2.69 -15.11 -16.41
C LYS D 28 1.55 -15.49 -15.46
N MET D 29 0.36 -15.65 -16.02
CA MET D 29 -0.79 -16.05 -15.21
C MET D 29 -0.60 -17.36 -14.46
N LYS D 30 0.14 -18.31 -15.05
CA LYS D 30 0.44 -19.56 -14.34
C LYS D 30 1.36 -19.23 -13.19
N GLU D 31 2.36 -18.36 -13.37
CA GLU D 31 3.21 -17.99 -12.22
C GLU D 31 2.38 -17.27 -11.16
N MET D 32 1.68 -16.24 -11.59
CA MET D 32 0.88 -15.40 -10.70
C MET D 32 -0.07 -16.18 -9.79
N LYS D 33 -0.69 -17.25 -10.31
CA LYS D 33 -1.61 -18.10 -9.50
C LYS D 33 -0.82 -19.07 -8.63
N GLY D 34 0.37 -19.46 -9.06
CA GLY D 34 1.31 -20.03 -8.11
C GLY D 34 1.38 -19.08 -6.91
N SER D 35 1.99 -17.91 -7.14
CA SER D 35 2.27 -16.93 -6.11
C SER D 35 1.11 -16.82 -5.13
N ILE D 36 -0.08 -16.60 -5.66
CA ILE D 36 -1.26 -16.49 -4.82
C ILE D 36 -1.52 -17.68 -3.92
N ARG D 37 -1.36 -18.90 -4.43
CA ARG D 37 -1.54 -20.07 -3.56
C ARG D 37 -0.46 -20.13 -2.46
N HIS D 38 0.79 -19.82 -2.78
CA HIS D 38 1.84 -19.82 -1.76
C HIS D 38 1.64 -18.68 -0.75
N LEU D 39 1.06 -17.57 -1.20
CA LEU D 39 0.88 -16.41 -0.35
C LEU D 39 -0.32 -16.64 0.55
N ARG D 40 -1.36 -17.26 0.02
CA ARG D 40 -2.52 -17.56 0.82
C ARG D 40 -2.20 -18.59 1.89
N LEU D 41 -1.38 -19.56 1.54
CA LEU D 41 -1.00 -20.59 2.52
C LEU D 41 -0.27 -19.86 3.64
N THR D 42 0.77 -19.13 3.21
CA THR D 42 1.60 -18.33 4.07
C THR D 42 0.86 -17.40 4.98
N GLU D 43 -0.22 -16.78 4.47
CA GLU D 43 -1.09 -15.95 5.32
C GLU D 43 -1.70 -16.83 6.39
N ALA D 44 -2.21 -18.02 5.99
CA ALA D 44 -2.95 -18.88 6.92
C ALA D 44 -2.03 -19.38 8.02
N LYS D 45 -0.83 -19.82 7.66
CA LYS D 45 0.18 -20.23 8.64
C LYS D 45 0.53 -19.15 9.67
N LEU D 46 0.71 -17.93 9.19
CA LEU D 46 1.08 -16.83 10.04
C LEU D 46 -0.08 -16.42 10.93
N ARG D 47 -1.29 -16.43 10.39
CA ARG D 47 -2.44 -16.12 11.21
C ARG D 47 -2.60 -17.13 12.33
N GLU D 48 -2.36 -18.39 12.00
CA GLU D 48 -2.46 -19.49 12.95
C GLU D 48 -1.41 -19.32 14.05
N GLU D 49 -0.23 -18.90 13.62
CA GLU D 49 0.90 -18.81 14.47
C GLU D 49 0.73 -17.65 15.40
N LEU D 50 0.17 -16.58 14.88
CA LEU D 50 -0.31 -15.48 15.72
C LEU D 50 -1.35 -15.87 16.74
N ARG D 51 -2.27 -16.71 16.29
CA ARG D 51 -3.44 -17.08 17.07
C ARG D 51 -2.96 -17.86 18.27
N GLU D 52 -1.96 -18.71 18.06
CA GLU D 52 -1.32 -19.40 19.17
C GLU D 52 -0.52 -18.48 20.12
N LYS D 53 0.23 -17.53 19.58
CA LYS D 53 0.98 -16.60 20.46
C LYS D 53 0.13 -15.61 21.23
N ASP D 54 -0.94 -15.08 20.64
CA ASP D 54 -1.89 -14.28 21.43
C ASP D 54 -2.39 -15.03 22.65
N ARG D 55 -2.71 -16.30 22.44
CA ARG D 55 -3.34 -17.15 23.46
C ARG D 55 -2.35 -17.39 24.61
N LEU D 56 -1.12 -17.81 24.29
CA LEU D 56 -0.03 -17.94 25.31
C LEU D 56 0.14 -16.69 26.16
N LEU D 57 0.03 -15.50 25.52
CA LEU D 57 0.18 -14.21 26.21
C LEU D 57 -1.01 -13.88 27.04
N ALA D 58 -2.20 -14.15 26.53
CA ALA D 58 -3.43 -13.95 27.31
C ALA D 58 -3.36 -14.78 28.57
N MET D 59 -2.79 -16.00 28.48
CA MET D 59 -2.66 -16.86 29.64
C MET D 59 -1.63 -16.31 30.59
N ALA D 60 -0.48 -15.92 30.05
CA ALA D 60 0.61 -15.32 30.84
C ALA D 60 0.11 -14.10 31.62
N VAL D 61 -0.86 -13.40 31.05
CA VAL D 61 -1.57 -12.35 31.77
C VAL D 61 -2.37 -12.92 32.95
N ILE D 62 -3.30 -13.81 32.63
CA ILE D 62 -4.19 -14.45 33.62
C ILE D 62 -3.46 -15.12 34.76
N ARG D 63 -2.40 -15.86 34.46
CA ARG D 63 -1.58 -16.50 35.50
C ARG D 63 -0.77 -15.52 36.37
N LYS D 64 -0.30 -14.42 35.78
CA LYS D 64 0.39 -13.37 36.55
C LYS D 64 -0.62 -12.36 37.19
N LYS D 65 -1.90 -12.42 36.80
CA LYS D 65 -3.01 -11.73 37.50
C LYS D 65 -3.35 -12.43 38.80
N HIS D 66 -3.23 -13.77 38.80
CA HIS D 66 -3.72 -14.64 39.89
C HIS D 66 -2.62 -15.43 40.63
#